data_4QI3
#
_entry.id   4QI3
#
_cell.length_a   49.405
_cell.length_b   56.357
_cell.length_c   73.005
_cell.angle_alpha   90.00
_cell.angle_beta   104.56
_cell.angle_gamma   90.00
#
_symmetry.space_group_name_H-M   'P 1 21 1'
#
loop_
_entity.id
_entity.type
_entity.pdbx_description
1 polymer 'Cellobiose dehydrogenase'
2 non-polymer 'PROTOPORPHYRIN IX CONTAINING FE'
3 non-polymer 2-acetamido-2-deoxy-beta-D-glucopyranose
4 non-polymer alpha-D-mannopyranose
5 non-polymer 'MAGNESIUM ION'
6 water water
#
_entity_poly.entity_id   1
_entity_poly.type   'polypeptide(L)'
_entity_poly.pdbx_seq_one_letter_code
;(PCA)NNVPNTFTDPDSGITFNTWGLDEDSPQTQGGFTFGVALPSDALTTDASEFIGYLKCARNDESGWCGISLGGPMTN
SLLITAWPHEDTVYTSLRFATGYAMPDVYEGDAEITQVSSSVNSTHFSLIFRCKNCLQWSHGGSSGGASTSGGVLVLGWV
QAFDDPGNPTCPEQITLQQHDNGMGIWGAQLNTDAASPSYTDWAAQATKTVT
;
_entity_poly.pdbx_strand_id   A,B
#
# COMPACT_ATOMS: atom_id res chain seq x y z
N ASN A 2 10.29 5.24 -0.52
CA ASN A 2 10.28 5.44 -1.97
C ASN A 2 9.53 4.30 -2.63
N ASN A 3 8.71 4.58 -3.64
CA ASN A 3 8.04 3.52 -4.38
C ASN A 3 8.96 3.02 -5.51
N VAL A 4 9.62 3.95 -6.18
CA VAL A 4 10.59 3.61 -7.23
C VAL A 4 11.83 3.07 -6.55
N PRO A 5 12.27 1.86 -6.94
CA PRO A 5 13.34 1.17 -6.20
C PRO A 5 14.72 1.77 -6.42
N ASN A 6 15.55 1.68 -5.40
CA ASN A 6 16.97 1.86 -5.60
C ASN A 6 17.56 0.49 -5.93
N THR A 7 18.83 0.45 -6.36
CA THR A 7 19.50 -0.81 -6.60
C THR A 7 20.81 -0.86 -5.81
N PHE A 8 21.06 -2.02 -5.23
CA PHE A 8 22.12 -2.20 -4.26
C PHE A 8 22.78 -3.56 -4.49
N THR A 9 24.11 -3.64 -4.52
CA THR A 9 24.77 -4.95 -4.52
C THR A 9 25.52 -5.18 -3.23
N ASP A 10 25.16 -6.22 -2.49
CA ASP A 10 25.86 -6.51 -1.24
C ASP A 10 27.25 -7.04 -1.60
N PRO A 11 28.31 -6.39 -1.08
CA PRO A 11 29.66 -6.76 -1.53
C PRO A 11 30.03 -8.22 -1.29
N ASP A 12 29.81 -8.75 -0.10
CA ASP A 12 30.32 -10.09 0.19
C ASP A 12 29.54 -11.19 -0.53
N SER A 13 28.22 -11.09 -0.55
CA SER A 13 27.42 -12.10 -1.23
C SER A 13 27.37 -11.90 -2.74
N GLY A 14 27.58 -10.66 -3.17
CA GLY A 14 27.39 -10.32 -4.58
C GLY A 14 25.93 -10.27 -5.01
N ILE A 15 24.99 -10.23 -4.05
CA ILE A 15 23.57 -10.33 -4.38
C ILE A 15 23.08 -8.91 -4.67
N THR A 16 22.35 -8.75 -5.77
CA THR A 16 21.81 -7.45 -6.13
C THR A 16 20.33 -7.39 -5.76
N PHE A 17 19.95 -6.32 -5.07
CA PHE A 17 18.57 -6.12 -4.61
C PHE A 17 17.95 -4.86 -5.21
N ASN A 18 16.64 -4.87 -5.41
CA ASN A 18 15.87 -3.62 -5.44
C ASN A 18 15.60 -3.26 -3.98
N THR A 19 15.74 -2.00 -3.59
CA THR A 19 15.51 -1.60 -2.21
C THR A 19 14.59 -0.39 -2.07
N TRP A 20 13.95 -0.28 -0.92
CA TRP A 20 13.13 0.87 -0.57
C TRP A 20 13.34 1.10 0.91
N GLY A 21 13.19 2.34 1.33
CA GLY A 21 13.41 2.64 2.72
C GLY A 21 13.21 4.09 3.07
N LEU A 22 13.67 4.42 4.26
CA LEU A 22 13.63 5.75 4.80
C LEU A 22 15.03 6.08 5.30
N ASP A 23 15.50 7.30 5.02
CA ASP A 23 16.82 7.77 5.46
C ASP A 23 16.84 8.01 6.96
N GLU A 24 18.04 8.25 7.51
CA GLU A 24 18.15 8.65 8.92
C GLU A 24 17.59 10.05 9.21
N ASP A 25 17.33 10.83 8.17
CA ASP A 25 16.74 12.15 8.38
C ASP A 25 15.21 12.12 8.24
N SER A 26 14.67 10.94 7.94
CA SER A 26 13.22 10.83 7.77
C SER A 26 12.48 11.01 9.09
N PRO A 27 11.39 11.79 9.06
CA PRO A 27 10.60 11.95 10.28
C PRO A 27 9.70 10.74 10.56
N GLN A 28 9.63 9.81 9.63
CA GLN A 28 8.74 8.66 9.74
C GLN A 28 9.24 7.56 10.67
N THR A 29 10.54 7.50 10.89
CA THR A 29 11.11 6.51 11.80
C THR A 29 12.46 7.05 12.29
N GLN A 30 12.90 6.55 13.45
CA GLN A 30 14.18 6.94 14.01
C GLN A 30 15.25 5.91 13.63
N GLY A 31 16.32 6.38 12.99
CA GLY A 31 17.48 5.57 12.64
C GLY A 31 17.46 4.98 11.24
N GLY A 32 16.44 5.31 10.45
CA GLY A 32 16.33 4.74 9.11
C GLY A 32 15.82 3.33 9.08
N PHE A 33 15.39 2.92 7.90
CA PHE A 33 14.97 1.56 7.66
C PHE A 33 15.18 1.25 6.20
N THR A 34 15.64 0.03 5.89
CA THR A 34 15.75 -0.39 4.50
C THR A 34 15.32 -1.83 4.33
N PHE A 35 14.54 -2.08 3.27
CA PHE A 35 14.18 -3.43 2.89
C PHE A 35 14.48 -3.64 1.41
N GLY A 36 14.98 -4.82 1.06
CA GLY A 36 15.24 -5.09 -0.33
C GLY A 36 14.92 -6.52 -0.70
N VAL A 37 14.72 -6.76 -1.98
CA VAL A 37 14.49 -8.13 -2.48
C VAL A 37 15.34 -8.44 -3.72
N ALA A 38 15.73 -9.72 -3.82
CA ALA A 38 16.23 -10.32 -5.06
C ALA A 38 15.32 -11.48 -5.36
N LEU A 39 14.96 -11.64 -6.64
CA LEU A 39 13.91 -12.57 -7.04
C LEU A 39 14.37 -13.58 -8.09
N PRO A 40 13.67 -14.71 -8.18
CA PRO A 40 13.94 -15.65 -9.28
C PRO A 40 13.93 -14.98 -10.65
N SER A 41 14.69 -15.53 -11.59
CA SER A 41 14.99 -14.85 -12.84
C SER A 41 13.76 -14.45 -13.63
N ASP A 42 12.70 -15.23 -13.52
CA ASP A 42 11.48 -14.95 -14.28
C ASP A 42 10.39 -14.28 -13.49
N ALA A 43 10.73 -13.74 -12.32
CA ALA A 43 9.72 -13.23 -11.39
C ALA A 43 8.84 -12.12 -11.94
N LEU A 44 9.31 -11.38 -12.94
CA LEU A 44 8.50 -10.26 -13.42
C LEU A 44 7.47 -10.70 -14.44
N THR A 45 7.57 -11.95 -14.87
CA THR A 45 6.64 -12.54 -15.84
C THR A 45 5.75 -13.61 -15.19
N THR A 46 6.31 -14.32 -14.22
CA THR A 46 5.63 -15.40 -13.50
C THR A 46 5.81 -15.23 -11.99
N ASP A 47 4.72 -15.34 -11.24
CA ASP A 47 4.77 -15.09 -9.78
C ASP A 47 5.72 -16.04 -9.09
N ALA A 48 6.67 -15.48 -8.33
CA ALA A 48 7.59 -16.27 -7.54
C ALA A 48 6.93 -16.74 -6.25
N SER A 49 7.47 -17.79 -5.66
CA SER A 49 7.05 -18.25 -4.34
C SER A 49 8.04 -17.81 -3.25
N GLU A 50 9.23 -17.36 -3.64
CA GLU A 50 10.28 -17.03 -2.68
C GLU A 50 11.10 -15.85 -3.15
N PHE A 51 11.89 -15.32 -2.22
CA PHE A 51 12.81 -14.24 -2.51
C PHE A 51 13.98 -14.29 -1.54
N ILE A 52 15.03 -13.55 -1.87
CA ILE A 52 16.11 -13.30 -0.92
C ILE A 52 15.90 -11.88 -0.45
N GLY A 53 15.80 -11.71 0.86
CA GLY A 53 15.56 -10.39 1.43
C GLY A 53 16.77 -9.74 2.08
N TYR A 54 16.73 -8.42 2.17
CA TYR A 54 17.73 -7.59 2.86
C TYR A 54 16.96 -6.71 3.80
N LEU A 55 17.40 -6.67 5.05
CA LEU A 55 16.81 -5.78 6.06
C LEU A 55 17.92 -5.03 6.73
N LYS A 56 17.74 -3.72 6.83
CA LYS A 56 18.61 -2.93 7.70
C LYS A 56 17.72 -2.16 8.65
N CYS A 57 17.82 -2.45 9.94
CA CYS A 57 16.92 -1.88 10.93
C CYS A 57 17.68 -1.17 12.04
N ALA A 58 16.98 -0.21 12.66
CA ALA A 58 17.59 0.69 13.64
C ALA A 58 17.58 0.10 15.04
N ARG A 59 18.50 0.57 15.89
CA ARG A 59 18.47 0.24 17.31
C ARG A 59 18.41 1.56 18.07
N ASN A 60 17.73 1.51 19.22
CA ASN A 60 17.55 2.67 20.10
C ASN A 60 18.21 2.31 21.42
N ASP A 61 19.32 2.96 21.72
CA ASP A 61 20.20 2.50 22.80
C ASP A 61 20.34 0.97 22.80
N GLU A 62 20.69 0.43 21.63
CA GLU A 62 20.92 -1.02 21.42
C GLU A 62 19.71 -1.93 21.69
N SER A 63 18.51 -1.37 21.59
CA SER A 63 17.28 -2.14 21.69
C SER A 63 16.36 -1.89 20.50
N GLY A 64 15.49 -2.85 20.22
CA GLY A 64 14.45 -2.64 19.24
C GLY A 64 14.31 -3.81 18.29
N TRP A 65 13.22 -3.80 17.53
CA TRP A 65 12.97 -4.82 16.51
C TRP A 65 12.32 -4.17 15.30
N CYS A 66 12.28 -4.88 14.18
CA CYS A 66 11.61 -4.37 12.99
C CYS A 66 10.83 -5.48 12.30
N GLY A 67 9.95 -5.09 11.39
CA GLY A 67 9.05 -6.07 10.80
C GLY A 67 8.62 -5.64 9.42
N ILE A 68 8.34 -6.66 8.59
CA ILE A 68 7.76 -6.45 7.27
C ILE A 68 6.47 -7.27 7.16
N SER A 69 5.43 -6.66 6.61
CA SER A 69 4.24 -7.39 6.20
C SER A 69 4.34 -7.60 4.71
N LEU A 70 4.29 -8.85 4.29
CA LEU A 70 4.35 -9.19 2.88
C LEU A 70 3.05 -8.94 2.11
N GLY A 71 1.97 -8.67 2.83
CA GLY A 71 0.71 -8.31 2.21
C GLY A 71 0.30 -6.86 2.23
N GLY A 72 0.96 -6.06 3.06
CA GLY A 72 0.61 -4.67 3.22
C GLY A 72 0.17 -4.38 4.65
N PRO A 73 -1.09 -4.65 4.95
CA PRO A 73 -1.60 -4.42 6.29
C PRO A 73 -1.06 -5.42 7.26
N MET A 74 -1.17 -5.09 8.53
CA MET A 74 -0.73 -5.98 9.56
C MET A 74 -1.42 -7.34 9.50
N THR A 75 -2.67 -7.32 9.08
CA THR A 75 -3.52 -8.51 9.12
C THR A 75 -3.58 -9.31 7.83
N ASN A 76 -3.85 -10.59 7.98
CA ASN A 76 -4.07 -11.51 6.85
C ASN A 76 -2.90 -11.58 5.89
N SER A 77 -1.71 -11.35 6.43
CA SER A 77 -0.47 -11.31 5.63
C SER A 77 0.66 -12.05 6.36
N LEU A 78 1.52 -12.73 5.61
CA LEU A 78 2.72 -13.29 6.22
C LEU A 78 3.61 -12.14 6.74
N LEU A 79 3.98 -12.22 8.00
CA LEU A 79 4.78 -11.19 8.66
C LEU A 79 6.17 -11.71 8.97
N ILE A 80 7.18 -10.90 8.74
CA ILE A 80 8.56 -11.23 9.13
C ILE A 80 8.97 -10.27 10.23
N THR A 81 9.29 -10.84 11.38
CA THR A 81 9.80 -10.07 12.51
C THR A 81 11.29 -10.34 12.67
N ALA A 82 12.10 -9.32 12.95
CA ALA A 82 13.56 -9.51 13.08
C ALA A 82 14.13 -8.66 14.21
N TRP A 83 15.11 -9.19 14.91
CA TRP A 83 15.70 -8.48 16.04
C TRP A 83 17.05 -9.12 16.38
N PRO A 84 17.97 -8.35 16.96
CA PRO A 84 19.27 -8.88 17.34
C PRO A 84 19.33 -9.19 18.83
N HIS A 85 20.14 -10.18 19.17
CA HIS A 85 20.46 -10.45 20.55
C HIS A 85 21.90 -10.91 20.54
N GLU A 86 22.74 -10.21 21.31
CA GLU A 86 24.19 -10.35 21.21
C GLU A 86 24.64 -10.12 19.78
N ASP A 87 25.24 -11.12 19.15
CA ASP A 87 25.74 -10.95 17.80
C ASP A 87 24.94 -11.78 16.79
N THR A 88 23.73 -12.17 17.18
CA THR A 88 22.86 -12.97 16.32
C THR A 88 21.61 -12.18 15.93
N VAL A 89 21.19 -12.31 14.68
CA VAL A 89 19.89 -11.80 14.27
C VAL A 89 18.90 -12.95 14.15
N TYR A 90 17.78 -12.79 14.85
CA TYR A 90 16.71 -13.79 14.80
C TYR A 90 15.56 -13.30 13.94
N THR A 91 14.80 -14.24 13.39
CA THR A 91 13.54 -13.92 12.76
C THR A 91 12.42 -14.79 13.29
N SER A 92 11.18 -14.32 13.14
CA SER A 92 10.01 -15.14 13.42
C SER A 92 8.98 -14.84 12.36
N LEU A 93 8.46 -15.89 11.72
CA LEU A 93 7.37 -15.77 10.77
C LEU A 93 6.04 -15.75 11.52
N ARG A 94 5.25 -14.73 11.28
CA ARG A 94 4.09 -14.46 12.13
C ARG A 94 2.86 -14.20 11.27
N PHE A 95 1.68 -14.23 11.88
CA PHE A 95 0.44 -13.99 11.14
C PHE A 95 -0.60 -13.48 12.12
N ALA A 96 -1.34 -12.45 11.70
CA ALA A 96 -2.33 -11.84 12.60
C ALA A 96 -3.67 -11.72 11.90
N THR A 97 -4.73 -12.18 12.57
CA THR A 97 -6.08 -12.06 12.04
C THR A 97 -6.70 -10.75 12.51
N GLY A 98 -6.07 -10.13 13.51
CA GLY A 98 -6.50 -8.85 14.06
C GLY A 98 -5.33 -8.02 14.57
N TYR A 99 -5.65 -6.89 15.19
CA TYR A 99 -4.61 -5.96 15.65
C TYR A 99 -4.18 -6.29 17.07
N ALA A 100 -3.57 -7.46 17.19
CA ALA A 100 -3.13 -7.99 18.46
C ALA A 100 -1.86 -8.78 18.17
N MET A 101 -1.20 -9.24 19.24
CA MET A 101 0.00 -10.07 19.11
CA MET A 101 0.01 -10.05 19.11
C MET A 101 -0.12 -11.11 18.01
N PRO A 102 0.71 -10.99 16.97
CA PRO A 102 0.66 -12.00 15.91
C PRO A 102 1.10 -13.37 16.40
N ASP A 103 0.42 -14.41 15.91
CA ASP A 103 0.77 -15.79 16.19
C ASP A 103 1.82 -16.33 15.24
N VAL A 104 2.50 -17.38 15.67
CA VAL A 104 3.45 -18.09 14.82
C VAL A 104 2.71 -18.54 13.59
N TYR A 105 3.30 -18.30 12.42
CA TYR A 105 2.69 -18.66 11.17
C TYR A 105 2.60 -20.18 11.05
N GLU A 106 1.43 -20.70 10.72
CA GLU A 106 1.21 -22.15 10.65
C GLU A 106 1.58 -22.80 9.31
N GLY A 107 1.88 -22.00 8.30
CA GLY A 107 2.20 -22.54 6.98
C GLY A 107 3.65 -23.00 6.87
N ASP A 108 4.07 -23.37 5.66
CA ASP A 108 5.37 -24.04 5.47
C ASP A 108 6.54 -23.12 5.09
N ALA A 109 6.35 -21.81 5.21
CA ALA A 109 7.43 -20.86 4.94
C ALA A 109 8.65 -21.11 5.83
N GLU A 110 9.84 -20.80 5.33
CA GLU A 110 11.04 -20.98 6.13
C GLU A 110 12.10 -19.95 5.79
N ILE A 111 12.69 -19.34 6.82
CA ILE A 111 13.79 -18.41 6.60
C ILE A 111 15.12 -19.07 6.92
N THR A 112 16.08 -18.91 6.01
CA THR A 112 17.47 -19.28 6.21
C THR A 112 18.33 -18.03 5.97
N GLN A 113 19.50 -17.96 6.61
CA GLN A 113 20.32 -16.74 6.53
C GLN A 113 21.55 -16.89 5.66
N VAL A 114 21.83 -15.83 4.90
CA VAL A 114 23.06 -15.71 4.13
C VAL A 114 24.13 -15.05 5.01
N SER A 115 23.74 -13.95 5.64
CA SER A 115 24.64 -13.20 6.50
C SER A 115 23.86 -12.29 7.39
N SER A 116 24.52 -11.81 8.43
CA SER A 116 23.94 -10.81 9.31
C SER A 116 25.02 -9.95 9.94
N SER A 117 24.59 -8.82 10.49
CA SER A 117 25.52 -7.97 11.22
C SER A 117 24.80 -7.22 12.30
N VAL A 118 25.49 -7.02 13.41
CA VAL A 118 24.93 -6.25 14.51
C VAL A 118 25.98 -5.27 14.99
N ASN A 119 25.61 -4.00 15.01
CA ASN A 119 26.44 -3.05 15.75
C ASN A 119 25.60 -2.23 16.69
N SER A 120 26.16 -1.20 17.32
CA SER A 120 25.41 -0.51 18.35
C SER A 120 24.17 0.24 17.83
N THR A 121 24.23 0.72 16.58
CA THR A 121 23.14 1.55 16.03
C THR A 121 22.19 0.82 15.07
N HIS A 122 22.63 -0.29 14.48
CA HIS A 122 21.83 -0.98 13.46
C HIS A 122 22.04 -2.48 13.53
N PHE A 123 21.10 -3.21 12.93
CA PHE A 123 21.32 -4.61 12.61
C PHE A 123 20.84 -4.86 11.21
N SER A 124 21.47 -5.81 10.53
CA SER A 124 21.08 -6.13 9.16
C SER A 124 21.15 -7.63 8.91
N LEU A 125 20.35 -8.06 7.95
CA LEU A 125 20.20 -9.45 7.62
C LEU A 125 20.02 -9.63 6.12
N ILE A 126 20.68 -10.63 5.56
CA ILE A 126 20.32 -11.15 4.24
C ILE A 126 19.82 -12.59 4.42
N PHE A 127 18.62 -12.85 3.90
CA PHE A 127 17.95 -14.10 4.19
C PHE A 127 17.15 -14.61 3.00
N ARG A 128 17.04 -15.92 2.90
CA ARG A 128 16.13 -16.52 1.93
C ARG A 128 14.79 -16.82 2.60
N CYS A 129 13.71 -16.41 1.96
CA CYS A 129 12.37 -16.63 2.50
C CYS A 129 11.67 -17.60 1.55
N LYS A 130 11.76 -18.88 1.86
CA LYS A 130 11.18 -19.92 1.01
C LYS A 130 9.69 -20.05 1.24
N ASN A 131 8.91 -20.15 0.17
CA ASN A 131 7.46 -20.30 0.26
C ASN A 131 6.82 -19.16 1.04
N CYS A 132 7.31 -17.96 0.79
CA CYS A 132 6.89 -16.79 1.56
C CYS A 132 5.92 -15.90 0.83
N LEU A 133 5.82 -16.06 -0.49
CA LEU A 133 4.98 -15.14 -1.25
C LEU A 133 3.55 -15.59 -1.50
N GLN A 134 3.23 -16.83 -1.10
CA GLN A 134 1.84 -17.30 -0.99
C GLN A 134 1.70 -17.92 0.38
N TRP A 135 0.66 -17.55 1.11
CA TRP A 135 0.54 -17.99 2.48
C TRP A 135 -0.86 -18.47 2.81
N SER A 136 -0.95 -19.29 3.84
CA SER A 136 -2.25 -19.74 4.34
C SER A 136 -2.10 -20.01 5.83
N HIS A 137 -3.00 -19.39 6.61
CA HIS A 137 -3.01 -19.52 8.05
C HIS A 137 -4.46 -19.33 8.50
N GLY A 138 -4.97 -20.31 9.25
CA GLY A 138 -6.30 -20.24 9.83
C GLY A 138 -7.43 -19.96 8.84
N GLY A 139 -7.33 -20.52 7.65
CA GLY A 139 -8.35 -20.31 6.63
C GLY A 139 -8.13 -19.04 5.82
N SER A 140 -7.29 -18.13 6.30
CA SER A 140 -6.95 -16.95 5.53
C SER A 140 -5.81 -17.31 4.57
N SER A 141 -6.03 -17.08 3.29
CA SER A 141 -5.02 -17.31 2.28
C SER A 141 -4.83 -16.07 1.43
N GLY A 142 -3.61 -15.84 0.98
CA GLY A 142 -3.33 -14.72 0.11
C GLY A 142 -1.92 -14.81 -0.41
N GLY A 143 -1.46 -13.72 -1.02
CA GLY A 143 -0.10 -13.71 -1.50
C GLY A 143 0.27 -12.42 -2.18
N ALA A 144 1.52 -12.35 -2.63
CA ALA A 144 1.98 -11.20 -3.37
C ALA A 144 2.31 -11.70 -4.77
N SER A 145 2.16 -10.84 -5.76
CA SER A 145 2.42 -11.26 -7.14
C SER A 145 3.53 -10.47 -7.79
N THR A 146 4.70 -11.09 -7.87
CA THR A 146 5.87 -10.47 -8.48
C THR A 146 5.61 -10.11 -9.96
N SER A 147 4.78 -10.89 -10.65
CA SER A 147 4.52 -10.64 -12.07
C SER A 147 3.78 -9.31 -12.32
N GLY A 148 3.22 -8.73 -11.26
CA GLY A 148 2.57 -7.44 -11.36
C GLY A 148 3.53 -6.27 -11.29
N GLY A 149 4.80 -6.54 -10.99
CA GLY A 149 5.81 -5.49 -11.01
C GLY A 149 5.78 -4.54 -9.82
N VAL A 150 5.06 -4.93 -8.77
CA VAL A 150 4.96 -4.16 -7.52
C VAL A 150 4.62 -5.13 -6.39
N LEU A 151 5.19 -4.88 -5.23
CA LEU A 151 4.83 -5.60 -4.02
C LEU A 151 4.21 -4.57 -3.08
N VAL A 152 2.98 -4.81 -2.62
CA VAL A 152 2.40 -3.95 -1.60
C VAL A 152 2.89 -4.46 -0.27
N LEU A 153 3.71 -3.63 0.40
CA LEU A 153 4.38 -4.06 1.61
C LEU A 153 4.07 -3.13 2.77
N GLY A 154 4.16 -3.68 3.97
CA GLY A 154 4.13 -2.85 5.18
C GLY A 154 5.42 -3.01 5.97
N TRP A 155 5.78 -1.96 6.72
CA TRP A 155 6.91 -2.04 7.62
C TRP A 155 6.55 -1.45 8.99
N VAL A 156 7.24 -1.92 10.04
CA VAL A 156 7.20 -1.26 11.35
C VAL A 156 8.60 -1.32 11.97
N GLN A 157 8.89 -0.36 12.83
CA GLN A 157 10.03 -0.51 13.74
C GLN A 157 9.56 -0.26 15.16
N ALA A 158 10.33 -0.73 16.13
CA ALA A 158 9.95 -0.62 17.55
C ALA A 158 11.16 -0.41 18.41
N PHE A 159 10.96 0.23 19.56
CA PHE A 159 12.06 0.57 20.46
C PHE A 159 12.44 -0.51 21.49
N ASP A 160 11.49 -1.37 21.87
CA ASP A 160 11.80 -2.32 22.94
C ASP A 160 12.29 -3.65 22.36
N ASP A 161 13.12 -4.38 23.11
CA ASP A 161 13.51 -5.72 22.71
C ASP A 161 12.34 -6.64 22.94
N PRO A 162 12.17 -7.64 22.08
CA PRO A 162 11.15 -8.66 22.33
C PRO A 162 11.49 -9.40 23.62
N GLY A 163 10.47 -9.86 24.34
CA GLY A 163 10.69 -10.76 25.46
C GLY A 163 11.08 -12.10 24.89
N ASN A 164 11.74 -12.94 25.70
CA ASN A 164 12.29 -14.22 25.25
C ASN A 164 13.07 -14.10 23.95
N PRO A 165 14.07 -13.20 23.90
CA PRO A 165 14.68 -12.86 22.61
C PRO A 165 15.55 -13.95 21.99
N THR A 166 15.84 -15.01 22.73
CA THR A 166 16.60 -16.12 22.15
C THR A 166 15.70 -17.24 21.65
N CYS A 167 14.39 -17.04 21.73
CA CYS A 167 13.42 -18.04 21.29
C CYS A 167 12.34 -17.44 20.40
N PRO A 168 12.57 -17.48 19.08
CA PRO A 168 11.65 -16.87 18.10
C PRO A 168 10.19 -17.30 18.26
N GLU A 169 9.97 -18.57 18.62
CA GLU A 169 8.61 -19.09 18.70
C GLU A 169 7.85 -18.63 19.93
N GLN A 170 8.56 -18.02 20.88
CA GLN A 170 7.95 -17.65 22.15
C GLN A 170 8.12 -16.17 22.49
N ILE A 171 8.51 -15.37 21.51
CA ILE A 171 8.70 -13.95 21.76
C ILE A 171 7.41 -13.25 22.15
N THR A 172 7.54 -12.22 22.98
CA THR A 172 6.44 -11.32 23.23
C THR A 172 6.86 -9.93 22.78
N LEU A 173 5.88 -9.15 22.33
CA LEU A 173 6.13 -7.85 21.71
C LEU A 173 5.22 -6.82 22.34
N GLN A 174 5.71 -5.59 22.41
CA GLN A 174 4.83 -4.46 22.66
C GLN A 174 4.36 -3.94 21.32
N GLN A 175 3.30 -3.15 21.29
CA GLN A 175 2.92 -2.53 20.02
C GLN A 175 4.09 -1.68 19.55
N HIS A 176 4.43 -1.82 18.28
CA HIS A 176 5.54 -1.10 17.69
C HIS A 176 5.31 0.40 17.83
N ASP A 177 6.39 1.11 18.12
CA ASP A 177 6.33 2.51 18.47
C ASP A 177 7.38 3.36 17.75
N ASN A 178 8.04 2.80 16.74
CA ASN A 178 9.04 3.56 15.98
C ASN A 178 8.71 3.61 14.49
N GLY A 179 7.47 3.98 14.20
CA GLY A 179 7.03 4.21 12.84
C GLY A 179 6.38 2.99 12.19
N MET A 180 5.56 3.26 11.19
CA MET A 180 4.91 2.21 10.41
C MET A 180 4.46 2.80 9.10
N GLY A 181 4.28 1.94 8.11
CA GLY A 181 3.75 2.41 6.83
C GLY A 181 3.40 1.26 5.92
N ILE A 182 2.54 1.54 4.95
CA ILE A 182 2.33 0.65 3.79
C ILE A 182 2.74 1.41 2.54
N TRP A 183 3.44 0.73 1.61
CA TRP A 183 3.83 1.41 0.39
C TRP A 183 3.86 0.43 -0.79
N GLY A 184 3.84 0.99 -2.00
CA GLY A 184 4.02 0.21 -3.20
C GLY A 184 5.49 0.08 -3.55
N ALA A 185 6.02 -1.12 -3.33
CA ALA A 185 7.42 -1.40 -3.61
C ALA A 185 7.54 -1.83 -5.07
N GLN A 186 7.74 -0.85 -5.95
CA GLN A 186 7.87 -1.13 -7.38
C GLN A 186 9.14 -1.90 -7.68
N LEU A 187 9.04 -2.83 -8.62
CA LEU A 187 10.15 -3.69 -9.04
C LEU A 187 10.63 -3.35 -10.43
N ASN A 188 11.94 -3.39 -10.65
CA ASN A 188 12.47 -3.28 -12.00
C ASN A 188 13.32 -4.50 -12.28
N THR A 189 13.96 -4.53 -13.45
CA THR A 189 14.68 -5.73 -13.89
C THR A 189 15.90 -6.06 -13.05
N ASP A 190 16.40 -5.10 -12.27
CA ASP A 190 17.52 -5.38 -11.38
C ASP A 190 17.12 -6.38 -10.30
N ALA A 191 15.82 -6.50 -10.06
CA ALA A 191 15.33 -7.35 -8.98
C ALA A 191 15.31 -8.85 -9.34
N ALA A 192 15.52 -9.18 -10.59
CA ALA A 192 15.39 -10.57 -11.04
C ALA A 192 16.63 -10.90 -11.83
N SER A 193 17.36 -11.93 -11.40
CA SER A 193 18.63 -12.23 -12.05
C SER A 193 18.75 -13.72 -12.32
N PRO A 194 19.41 -14.08 -13.44
CA PRO A 194 19.75 -15.48 -13.68
C PRO A 194 20.61 -16.04 -12.56
N SER A 195 21.26 -15.16 -11.81
CA SER A 195 22.09 -15.61 -10.71
C SER A 195 21.31 -16.05 -9.47
N TYR A 196 20.00 -15.84 -9.44
CA TYR A 196 19.20 -16.14 -8.23
C TYR A 196 19.50 -17.50 -7.57
N THR A 197 19.53 -18.58 -8.35
CA THR A 197 19.74 -19.90 -7.78
C THR A 197 21.10 -20.02 -7.07
N ASP A 198 22.13 -19.40 -7.64
CA ASP A 198 23.45 -19.40 -7.00
C ASP A 198 23.40 -18.63 -5.69
N TRP A 199 22.71 -17.51 -5.74
CA TRP A 199 22.58 -16.65 -4.56
C TRP A 199 21.81 -17.37 -3.46
N ALA A 200 20.70 -18.02 -3.83
CA ALA A 200 19.89 -18.72 -2.85
C ALA A 200 20.66 -19.84 -2.15
N ALA A 201 21.61 -20.44 -2.86
CA ALA A 201 22.44 -21.50 -2.33
C ALA A 201 23.40 -21.03 -1.23
N GLN A 202 23.55 -19.71 -1.09
CA GLN A 202 24.40 -19.12 -0.03
C GLN A 202 23.65 -19.08 1.31
N ALA A 203 22.34 -19.29 1.27
CA ALA A 203 21.52 -19.18 2.47
C ALA A 203 21.56 -20.53 3.20
N THR A 204 22.66 -20.79 3.91
CA THR A 204 22.85 -22.09 4.53
C THR A 204 22.71 -22.12 6.05
N LYS A 205 22.49 -20.96 6.66
CA LYS A 205 22.36 -20.89 8.11
C LYS A 205 20.92 -20.98 8.54
N THR A 206 20.63 -21.91 9.46
CA THR A 206 19.32 -21.97 10.09
C THR A 206 19.45 -21.51 11.54
N VAL A 207 18.91 -20.33 11.84
CA VAL A 207 19.02 -19.76 13.18
C VAL A 207 17.76 -20.07 14.00
N THR A 208 17.88 -21.03 14.91
CA THR A 208 16.73 -21.59 15.60
C THR A 208 16.37 -20.85 16.89
N ASN B 2 0.71 11.06 3.22
CA ASN B 2 0.64 10.81 4.65
C ASN B 2 -0.21 9.57 4.94
N ASN B 3 0.29 8.71 5.83
CA ASN B 3 -0.53 7.57 6.26
C ASN B 3 -1.48 8.01 7.39
N VAL B 4 -0.97 8.79 8.34
CA VAL B 4 -1.82 9.35 9.39
C VAL B 4 -2.76 10.38 8.78
N PRO B 5 -4.09 10.24 8.99
CA PRO B 5 -5.02 11.10 8.26
C PRO B 5 -5.06 12.51 8.80
N ASN B 6 -5.29 13.47 7.92
CA ASN B 6 -5.78 14.76 8.35
C ASN B 6 -7.31 14.69 8.50
N THR B 7 -7.89 15.64 9.23
CA THR B 7 -9.34 15.77 9.26
C THR B 7 -9.72 17.08 8.59
N PHE B 8 -10.63 17.00 7.62
CA PHE B 8 -11.02 18.14 6.82
C PHE B 8 -12.53 18.20 6.72
N THR B 9 -13.13 19.36 7.04
CA THR B 9 -14.54 19.57 6.78
C THR B 9 -14.71 20.49 5.59
N ASP B 10 -15.47 20.04 4.59
CA ASP B 10 -15.82 20.88 3.46
C ASP B 10 -16.82 21.91 3.99
N PRO B 11 -16.43 23.20 4.04
CA PRO B 11 -17.30 24.13 4.76
C PRO B 11 -18.70 24.28 4.14
N ASP B 12 -18.81 24.16 2.83
CA ASP B 12 -20.09 24.39 2.17
C ASP B 12 -21.08 23.28 2.44
N SER B 13 -20.63 22.04 2.29
CA SER B 13 -21.49 20.89 2.50
C SER B 13 -21.58 20.48 3.97
N GLY B 14 -20.57 20.84 4.75
CA GLY B 14 -20.52 20.43 6.14
C GLY B 14 -20.03 19.01 6.36
N ILE B 15 -19.59 18.35 5.28
CA ILE B 15 -19.14 16.96 5.37
C ILE B 15 -17.69 16.89 5.85
N THR B 16 -17.43 16.02 6.84
CA THR B 16 -16.09 15.86 7.41
C THR B 16 -15.47 14.58 6.87
N PHE B 17 -14.20 14.68 6.46
CA PHE B 17 -13.45 13.59 5.88
C PHE B 17 -12.17 13.33 6.64
N ASN B 18 -11.69 12.09 6.62
CA ASN B 18 -10.25 11.86 6.80
C ASN B 18 -9.61 12.07 5.43
N THR B 19 -8.49 12.78 5.36
CA THR B 19 -7.80 13.01 4.07
C THR B 19 -6.33 12.65 4.10
N TRP B 20 -5.82 12.28 2.94
CA TRP B 20 -4.39 12.03 2.73
C TRP B 20 -4.03 12.63 1.40
N GLY B 21 -2.79 13.05 1.24
CA GLY B 21 -2.44 13.63 -0.03
C GLY B 21 -1.02 14.13 -0.11
N LEU B 22 -0.78 14.90 -1.17
CA LEU B 22 0.53 15.48 -1.42
C LEU B 22 0.35 16.97 -1.62
N ASP B 23 1.22 17.75 -0.98
CA ASP B 23 1.20 19.20 -1.13
C ASP B 23 1.72 19.60 -2.50
N GLU B 24 1.58 20.88 -2.82
CA GLU B 24 1.96 21.38 -4.13
C GLU B 24 3.46 21.66 -4.19
N ASP B 25 4.13 21.39 -3.07
CA ASP B 25 5.59 21.42 -3.02
C ASP B 25 6.14 19.99 -2.91
N SER B 26 5.28 19.00 -3.19
CA SER B 26 5.69 17.61 -3.14
C SER B 26 6.54 17.23 -4.34
N PRO B 27 7.48 16.30 -4.16
CA PRO B 27 8.27 15.80 -5.29
C PRO B 27 7.52 14.73 -6.07
N GLN B 28 6.43 14.22 -5.50
CA GLN B 28 5.73 13.08 -6.10
C GLN B 28 4.74 13.45 -7.20
N THR B 29 4.25 14.68 -7.20
CA THR B 29 3.29 15.09 -8.22
C THR B 29 3.32 16.60 -8.41
N GLN B 30 2.88 17.08 -9.57
CA GLN B 30 2.80 18.51 -9.83
C GLN B 30 1.36 19.03 -9.69
N GLY B 31 1.17 20.00 -8.79
CA GLY B 31 -0.14 20.61 -8.54
C GLY B 31 -0.87 20.07 -7.33
N GLY B 32 -0.26 19.11 -6.63
CA GLY B 32 -0.83 18.53 -5.43
C GLY B 32 -1.91 17.49 -5.74
N PHE B 33 -2.30 16.75 -4.71
CA PHE B 33 -3.36 15.76 -4.81
C PHE B 33 -3.90 15.49 -3.42
N THR B 34 -5.23 15.44 -3.29
CA THR B 34 -5.83 15.03 -2.02
C THR B 34 -6.99 14.09 -2.27
N PHE B 35 -7.10 13.05 -1.43
CA PHE B 35 -8.25 12.17 -1.43
C PHE B 35 -8.74 12.08 0.00
N GLY B 36 -10.05 12.05 0.17
CA GLY B 36 -10.61 11.87 1.50
C GLY B 36 -11.86 10.99 1.50
N VAL B 37 -12.17 10.42 2.66
CA VAL B 37 -13.41 9.65 2.81
C VAL B 37 -14.18 10.04 4.05
N ALA B 38 -15.50 9.99 3.93
CA ALA B 38 -16.42 9.97 5.05
C ALA B 38 -17.15 8.63 4.97
N LEU B 39 -17.30 7.97 6.11
CA LEU B 39 -17.82 6.61 6.18
C LEU B 39 -19.08 6.50 7.02
N PRO B 40 -19.86 5.44 6.79
CA PRO B 40 -21.02 5.15 7.65
C PRO B 40 -20.62 5.08 9.12
N SER B 41 -21.59 5.34 10.00
CA SER B 41 -21.27 5.59 11.40
C SER B 41 -20.53 4.44 12.11
N ASP B 42 -20.81 3.20 11.74
CA ASP B 42 -20.17 2.07 12.39
C ASP B 42 -19.03 1.45 11.57
N ALA B 43 -18.48 2.22 10.63
CA ALA B 43 -17.51 1.65 9.69
C ALA B 43 -16.21 1.16 10.33
N LEU B 44 -15.86 1.66 11.51
CA LEU B 44 -14.62 1.21 12.11
C LEU B 44 -14.76 -0.11 12.85
N THR B 45 -16.00 -0.61 12.96
CA THR B 45 -16.24 -1.90 13.61
C THR B 45 -16.90 -2.92 12.69
N THR B 46 -17.58 -2.45 11.64
CA THR B 46 -18.11 -3.36 10.63
C THR B 46 -17.83 -2.79 9.24
N ASP B 47 -17.39 -3.64 8.32
CA ASP B 47 -16.97 -3.15 7.02
C ASP B 47 -18.11 -2.44 6.28
N ALA B 48 -17.87 -1.20 5.88
CA ALA B 48 -18.80 -0.46 5.05
C ALA B 48 -18.73 -0.92 3.59
N SER B 49 -19.82 -0.74 2.85
CA SER B 49 -19.83 -0.98 1.41
C SER B 49 -19.81 0.31 0.59
N GLU B 50 -20.17 1.43 1.21
CA GLU B 50 -20.23 2.69 0.50
C GLU B 50 -19.47 3.72 1.30
N PHE B 51 -19.11 4.79 0.62
CA PHE B 51 -18.52 5.94 1.30
C PHE B 51 -18.81 7.20 0.54
N ILE B 52 -18.48 8.34 1.16
CA ILE B 52 -18.50 9.61 0.45
C ILE B 52 -17.05 10.06 0.29
N GLY B 53 -16.67 10.33 -0.96
CA GLY B 53 -15.29 10.67 -1.25
C GLY B 53 -15.10 12.15 -1.56
N TYR B 54 -13.88 12.60 -1.32
CA TYR B 54 -13.42 13.94 -1.66
C TYR B 54 -12.18 13.77 -2.52
N LEU B 55 -12.17 14.41 -3.69
CA LEU B 55 -10.99 14.44 -4.55
C LEU B 55 -10.62 15.86 -4.90
N LYS B 56 -9.34 16.19 -4.74
CA LYS B 56 -8.81 17.43 -5.27
C LYS B 56 -7.62 17.09 -6.12
N CYS B 57 -7.72 17.38 -7.41
CA CYS B 57 -6.71 16.95 -8.38
C CYS B 57 -6.12 18.11 -9.16
N ALA B 58 -4.92 17.89 -9.66
CA ALA B 58 -4.19 18.93 -10.37
C ALA B 58 -4.72 19.07 -11.80
N ARG B 59 -4.66 20.29 -12.30
CA ARG B 59 -5.05 20.58 -13.66
C ARG B 59 -4.01 21.53 -14.24
N ASN B 60 -2.76 21.09 -14.29
CA ASN B 60 -1.67 21.93 -14.78
C ASN B 60 -1.87 22.41 -16.21
N ASP B 61 -1.71 23.72 -16.43
CA ASP B 61 -1.91 24.33 -17.73
C ASP B 61 -3.25 23.91 -18.34
N GLU B 62 -4.28 23.83 -17.49
CA GLU B 62 -5.66 23.51 -17.87
C GLU B 62 -5.92 22.12 -18.48
N SER B 63 -5.09 21.13 -18.13
CA SER B 63 -5.39 19.76 -18.53
C SER B 63 -5.00 18.77 -17.44
N GLY B 64 -5.55 17.56 -17.53
CA GLY B 64 -5.20 16.50 -16.61
C GLY B 64 -6.34 15.57 -16.22
N TRP B 65 -5.98 14.46 -15.58
CA TRP B 65 -6.93 13.54 -14.97
C TRP B 65 -6.26 12.87 -13.79
N CYS B 66 -7.08 12.32 -12.89
CA CYS B 66 -6.54 11.64 -11.74
C CYS B 66 -7.35 10.40 -11.45
N GLY B 67 -6.79 9.53 -10.62
CA GLY B 67 -7.44 8.27 -10.33
C GLY B 67 -7.09 7.70 -8.98
N ILE B 68 -8.04 6.96 -8.41
CA ILE B 68 -7.85 6.24 -7.16
C ILE B 68 -8.06 4.75 -7.42
N SER B 69 -7.15 3.93 -6.92
CA SER B 69 -7.40 2.49 -6.80
C SER B 69 -7.87 2.19 -5.39
N LEU B 70 -9.08 1.64 -5.26
CA LEU B 70 -9.62 1.31 -3.96
C LEU B 70 -9.03 0.04 -3.34
N GLY B 71 -8.13 -0.64 -4.07
CA GLY B 71 -7.45 -1.78 -3.54
C GLY B 71 -5.92 -1.68 -3.35
N GLY B 72 -5.37 -0.66 -3.95
CA GLY B 72 -3.93 -0.44 -3.87
C GLY B 72 -3.28 -0.43 -5.22
N PRO B 73 -3.01 -1.61 -5.75
CA PRO B 73 -2.39 -1.67 -7.06
C PRO B 73 -3.37 -1.38 -8.19
N MET B 74 -2.83 -1.16 -9.37
CA MET B 74 -3.66 -0.82 -10.49
C MET B 74 -4.65 -1.93 -10.79
N THR B 75 -4.23 -3.15 -10.53
CA THR B 75 -4.97 -4.33 -11.00
C THR B 75 -5.87 -4.93 -9.94
N ASN B 76 -6.95 -5.54 -10.42
CA ASN B 76 -7.86 -6.34 -9.60
C ASN B 76 -8.50 -5.54 -8.46
N SER B 77 -8.76 -4.27 -8.74
CA SER B 77 -9.28 -3.35 -7.73
C SER B 77 -10.26 -2.43 -8.41
N LEU B 78 -11.33 -2.05 -7.72
CA LEU B 78 -12.19 -1.02 -8.28
C LEU B 78 -11.41 0.30 -8.39
N LEU B 79 -11.43 0.89 -9.57
CA LEU B 79 -10.74 2.14 -9.84
C LEU B 79 -11.73 3.28 -10.08
N ILE B 80 -11.42 4.45 -9.55
CA ILE B 80 -12.21 5.63 -9.85
C ILE B 80 -11.33 6.57 -10.67
N THR B 81 -11.78 6.93 -11.88
CA THR B 81 -11.08 7.88 -12.72
C THR B 81 -11.89 9.18 -12.73
N ALA B 82 -11.21 10.32 -12.65
CA ALA B 82 -11.90 11.61 -12.65
C ALA B 82 -11.17 12.65 -13.50
N TRP B 83 -11.92 13.54 -14.14
CA TRP B 83 -11.33 14.54 -15.02
C TRP B 83 -12.34 15.66 -15.28
N PRO B 84 -11.85 16.87 -15.58
CA PRO B 84 -12.82 17.94 -15.83
C PRO B 84 -12.94 18.23 -17.32
N HIS B 85 -14.14 18.59 -17.74
CA HIS B 85 -14.30 19.10 -19.06
C HIS B 85 -15.30 20.18 -19.11
N GLU B 86 -14.87 21.32 -19.59
CA GLU B 86 -15.77 22.45 -19.62
C GLU B 86 -16.18 22.70 -18.18
N ASP B 87 -17.42 22.70 -17.81
CA ASP B 87 -17.61 23.08 -16.40
C ASP B 87 -17.73 21.96 -15.43
N THR B 88 -17.62 20.76 -15.97
CA THR B 88 -18.12 19.56 -15.35
C THR B 88 -16.98 18.63 -14.95
N VAL B 89 -17.09 18.03 -13.77
CA VAL B 89 -16.20 16.94 -13.42
C VAL B 89 -16.90 15.62 -13.71
N TYR B 90 -16.23 14.76 -14.47
CA TYR B 90 -16.77 13.46 -14.80
C TYR B 90 -16.06 12.37 -14.00
N THR B 91 -16.73 11.24 -13.80
CA THR B 91 -16.07 10.06 -13.27
C THR B 91 -16.32 8.82 -14.12
N SER B 92 -15.42 7.86 -14.05
CA SER B 92 -15.69 6.56 -14.61
C SER B 92 -15.20 5.48 -13.67
N LEU B 93 -16.05 4.49 -13.40
CA LEU B 93 -15.67 3.34 -12.59
C LEU B 93 -15.00 2.29 -13.47
N ARG B 94 -13.73 1.98 -13.18
CA ARG B 94 -12.95 1.10 -14.05
C ARG B 94 -12.37 -0.10 -13.31
N PHE B 95 -11.86 -1.07 -14.08
CA PHE B 95 -11.27 -2.25 -13.49
C PHE B 95 -10.21 -2.77 -14.48
N ALA B 96 -9.02 -3.07 -14.00
CA ALA B 96 -7.94 -3.51 -14.88
C ALA B 96 -7.46 -4.89 -14.47
N THR B 97 -7.41 -5.80 -15.44
CA THR B 97 -6.88 -7.12 -15.19
C THR B 97 -5.36 -7.11 -15.33
N GLY B 98 -4.83 -6.07 -15.99
CA GLY B 98 -3.40 -5.92 -16.18
C GLY B 98 -3.05 -4.46 -16.35
N TYR B 99 -1.87 -4.18 -16.89
CA TYR B 99 -1.37 -2.82 -16.94
C TYR B 99 -1.73 -2.05 -18.21
N ALA B 100 -2.82 -2.47 -18.83
CA ALA B 100 -3.32 -1.86 -20.05
C ALA B 100 -4.55 -1.05 -19.69
N MET B 101 -5.16 -0.43 -20.69
CA MET B 101 -6.37 0.37 -20.49
CA MET B 101 -6.37 0.38 -20.49
C MET B 101 -7.43 -0.35 -19.65
N PRO B 102 -7.79 0.24 -18.50
CA PRO B 102 -8.85 -0.39 -17.70
C PRO B 102 -10.20 -0.34 -18.41
N ASP B 103 -10.98 -1.39 -18.21
CA ASP B 103 -12.32 -1.44 -18.79
C ASP B 103 -13.35 -0.88 -17.84
N VAL B 104 -14.49 -0.48 -18.38
CA VAL B 104 -15.59 -0.03 -17.53
C VAL B 104 -15.98 -1.14 -16.57
N TYR B 105 -16.14 -0.80 -15.29
CA TYR B 105 -16.46 -1.78 -14.26
C TYR B 105 -17.83 -2.48 -14.46
N GLU B 106 -17.84 -3.80 -14.37
CA GLU B 106 -19.06 -4.59 -14.68
C GLU B 106 -20.04 -4.64 -13.51
N GLY B 107 -19.58 -4.29 -12.31
CA GLY B 107 -20.38 -4.52 -11.13
C GLY B 107 -21.36 -3.40 -10.82
N ASP B 108 -21.98 -3.45 -9.65
CA ASP B 108 -23.11 -2.55 -9.37
C ASP B 108 -22.80 -1.27 -8.59
N ALA B 109 -21.61 -0.74 -8.76
CA ALA B 109 -21.22 0.47 -8.06
C ALA B 109 -21.80 1.69 -8.79
N GLU B 110 -22.04 2.76 -8.05
CA GLU B 110 -22.58 3.97 -8.66
C GLU B 110 -22.03 5.22 -7.97
N ILE B 111 -21.60 6.18 -8.77
CA ILE B 111 -21.18 7.48 -8.21
C ILE B 111 -22.24 8.53 -8.49
N THR B 112 -22.58 9.25 -7.42
CA THR B 112 -23.41 10.45 -7.52
C THR B 112 -22.67 11.62 -6.89
N GLN B 113 -22.93 12.83 -7.36
CA GLN B 113 -22.12 13.99 -6.94
C GLN B 113 -22.84 14.91 -5.97
N VAL B 114 -22.13 15.29 -4.92
CA VAL B 114 -22.60 16.35 -4.03
C VAL B 114 -22.27 17.72 -4.60
N SER B 115 -21.00 17.94 -4.96
CA SER B 115 -20.54 19.22 -5.49
C SER B 115 -19.24 19.02 -6.26
N SER B 116 -18.86 20.01 -7.06
CA SER B 116 -17.62 19.96 -7.82
C SER B 116 -17.08 21.36 -8.08
N SER B 117 -15.79 21.44 -8.39
CA SER B 117 -15.14 22.70 -8.68
C SER B 117 -14.15 22.50 -9.81
N VAL B 118 -14.09 23.47 -10.73
CA VAL B 118 -13.08 23.46 -11.78
C VAL B 118 -12.56 24.87 -11.97
N ASN B 119 -11.25 25.01 -12.01
CA ASN B 119 -10.62 26.26 -12.41
C ASN B 119 -9.34 26.00 -13.19
N SER B 120 -8.54 27.04 -13.41
CA SER B 120 -7.39 26.96 -14.29
C SER B 120 -6.28 26.04 -13.78
N THR B 121 -6.30 25.71 -12.49
CA THR B 121 -5.20 24.98 -11.87
C THR B 121 -5.61 23.65 -11.23
N HIS B 122 -6.88 23.51 -10.85
CA HIS B 122 -7.33 22.32 -10.14
C HIS B 122 -8.75 21.95 -10.48
N PHE B 123 -9.13 20.72 -10.12
CA PHE B 123 -10.54 20.35 -10.07
C PHE B 123 -10.83 19.52 -8.83
N SER B 124 -12.04 19.62 -8.30
CA SER B 124 -12.40 18.88 -7.10
C SER B 124 -13.82 18.31 -7.20
N LEU B 125 -14.09 17.32 -6.38
CA LEU B 125 -15.36 16.61 -6.41
C LEU B 125 -15.67 16.01 -5.04
N ILE B 126 -16.90 16.14 -4.59
CA ILE B 126 -17.37 15.33 -3.47
C ILE B 126 -18.49 14.44 -3.98
N PHE B 127 -18.43 13.16 -3.64
CA PHE B 127 -19.28 12.18 -4.31
C PHE B 127 -19.63 11.01 -3.42
N ARG B 128 -20.80 10.42 -3.64
CA ARG B 128 -21.16 9.20 -2.93
C ARG B 128 -20.77 8.05 -3.84
N CYS B 129 -20.12 7.05 -3.28
CA CYS B 129 -19.70 5.87 -4.02
C CYS B 129 -20.43 4.67 -3.43
N LYS B 130 -21.54 4.27 -4.06
CA LYS B 130 -22.36 3.18 -3.55
C LYS B 130 -21.81 1.84 -4.04
N ASN B 131 -21.76 0.84 -3.15
CA ASN B 131 -21.26 -0.49 -3.48
C ASN B 131 -19.84 -0.44 -4.03
N CYS B 132 -19.00 0.40 -3.42
CA CYS B 132 -17.65 0.63 -3.95
C CYS B 132 -16.57 -0.10 -3.19
N LEU B 133 -16.87 -0.60 -1.99
CA LEU B 133 -15.80 -1.15 -1.15
C LEU B 133 -15.68 -2.68 -1.21
N GLN B 134 -16.62 -3.33 -1.88
CA GLN B 134 -16.47 -4.72 -2.32
C GLN B 134 -16.83 -4.75 -3.79
N TRP B 135 -16.01 -5.43 -4.59
CA TRP B 135 -16.15 -5.37 -6.04
C TRP B 135 -16.03 -6.76 -6.67
N SER B 136 -16.57 -6.89 -7.87
CA SER B 136 -16.40 -8.12 -8.66
C SER B 136 -16.44 -7.75 -10.12
N HIS B 137 -15.42 -8.17 -10.88
CA HIS B 137 -15.32 -7.86 -12.29
C HIS B 137 -14.50 -8.95 -12.98
N GLY B 138 -14.99 -9.43 -14.12
CA GLY B 138 -14.27 -10.44 -14.88
C GLY B 138 -13.99 -11.71 -14.10
N GLY B 139 -14.86 -12.00 -13.15
CA GLY B 139 -14.70 -13.16 -12.28
C GLY B 139 -13.71 -12.96 -11.15
N SER B 140 -13.26 -11.73 -10.95
CA SER B 140 -12.31 -11.41 -9.90
C SER B 140 -13.01 -10.55 -8.86
N SER B 141 -12.92 -10.95 -7.59
CA SER B 141 -13.64 -10.28 -6.52
C SER B 141 -12.70 -9.89 -5.42
N GLY B 142 -13.01 -8.79 -4.75
CA GLY B 142 -12.20 -8.35 -3.63
C GLY B 142 -12.86 -7.18 -2.94
N GLY B 143 -12.10 -6.51 -2.08
CA GLY B 143 -12.69 -5.43 -1.32
C GLY B 143 -11.71 -4.79 -0.35
N ALA B 144 -12.18 -3.72 0.30
CA ALA B 144 -11.40 -3.03 1.31
C ALA B 144 -12.16 -3.19 2.63
N SER B 145 -11.45 -3.11 3.74
CA SER B 145 -12.09 -3.36 5.04
C SER B 145 -11.96 -2.19 5.97
N THR B 146 -13.02 -1.41 6.11
CA THR B 146 -12.97 -0.24 6.99
C THR B 146 -12.77 -0.64 8.46
N SER B 147 -13.24 -1.83 8.84
CA SER B 147 -13.13 -2.24 10.24
C SER B 147 -11.69 -2.54 10.65
N GLY B 148 -10.80 -2.59 9.67
CA GLY B 148 -9.38 -2.81 9.93
C GLY B 148 -8.66 -1.51 10.20
N GLY B 149 -9.35 -0.38 10.02
CA GLY B 149 -8.82 0.93 10.41
C GLY B 149 -7.76 1.48 9.46
N VAL B 150 -7.66 0.88 8.27
CA VAL B 150 -6.74 1.35 7.24
C VAL B 150 -7.30 0.96 5.88
N LEU B 151 -7.13 1.83 4.89
CA LEU B 151 -7.48 1.46 3.52
C LEU B 151 -6.18 1.48 2.72
N VAL B 152 -5.86 0.36 2.06
CA VAL B 152 -4.72 0.33 1.14
C VAL B 152 -5.16 0.91 -0.19
N LEU B 153 -4.64 2.08 -0.53
CA LEU B 153 -5.12 2.85 -1.66
C LEU B 153 -3.99 3.18 -2.65
N GLY B 154 -4.35 3.35 -3.91
CA GLY B 154 -3.43 3.80 -4.93
C GLY B 154 -3.92 5.11 -5.53
N TRP B 155 -2.99 5.94 -6.00
CA TRP B 155 -3.39 7.16 -6.70
C TRP B 155 -2.50 7.38 -7.92
N VAL B 156 -3.04 8.07 -8.92
CA VAL B 156 -2.26 8.47 -10.08
C VAL B 156 -2.80 9.81 -10.51
N GLN B 157 -1.94 10.58 -11.18
CA GLN B 157 -2.37 11.77 -11.92
C GLN B 157 -1.69 11.77 -13.27
N ALA B 158 -2.30 12.45 -14.23
CA ALA B 158 -1.74 12.52 -15.57
C ALA B 158 -1.85 13.93 -16.10
N PHE B 159 -0.94 14.31 -16.99
CA PHE B 159 -0.92 15.69 -17.52
C PHE B 159 -1.97 15.93 -18.61
N ASP B 160 -2.27 14.92 -19.42
CA ASP B 160 -3.18 15.10 -20.56
C ASP B 160 -4.63 14.96 -20.12
N ASP B 161 -5.54 15.57 -20.89
CA ASP B 161 -6.98 15.29 -20.75
C ASP B 161 -7.25 13.93 -21.36
N PRO B 162 -8.24 13.19 -20.83
CA PRO B 162 -8.63 11.95 -21.52
C PRO B 162 -9.22 12.23 -22.90
N GLY B 163 -9.01 11.30 -23.81
CA GLY B 163 -9.69 11.37 -25.07
C GLY B 163 -11.18 11.11 -24.93
N ASN B 164 -11.98 11.75 -25.76
CA ASN B 164 -13.42 11.82 -25.60
C ASN B 164 -13.98 12.10 -24.25
N PRO B 165 -13.60 13.24 -23.76
CA PRO B 165 -13.81 13.59 -22.37
C PRO B 165 -15.28 13.71 -21.99
N THR B 166 -16.19 13.81 -22.93
CA THR B 166 -17.59 14.00 -22.55
C THR B 166 -18.36 12.69 -22.45
N CYS B 167 -17.67 11.57 -22.65
CA CYS B 167 -18.29 10.26 -22.61
C CYS B 167 -17.50 9.27 -21.74
N PRO B 168 -17.86 9.20 -20.44
CA PRO B 168 -17.15 8.39 -19.45
C PRO B 168 -16.94 6.93 -19.88
N GLU B 169 -17.91 6.34 -20.57
CA GLU B 169 -17.84 4.93 -20.88
C GLU B 169 -16.91 4.65 -22.06
N GLN B 170 -16.48 5.69 -22.76
CA GLN B 170 -15.71 5.54 -23.99
CA GLN B 170 -15.70 5.50 -23.97
C GLN B 170 -14.45 6.38 -24.03
N ILE B 171 -13.99 6.84 -22.86
CA ILE B 171 -12.76 7.65 -22.80
C ILE B 171 -11.55 6.83 -23.21
N THR B 172 -10.51 7.52 -23.63
CA THR B 172 -9.22 6.89 -23.90
C THR B 172 -8.16 7.53 -23.01
N LEU B 173 -7.24 6.71 -22.51
CA LEU B 173 -6.17 7.15 -21.63
C LEU B 173 -4.86 6.58 -22.11
N GLN B 174 -3.77 7.23 -21.75
CA GLN B 174 -2.45 6.64 -21.89
C GLN B 174 -1.90 6.58 -20.50
N GLN B 175 -0.74 5.94 -20.34
CA GLN B 175 -0.16 5.81 -19.00
C GLN B 175 -0.06 7.16 -18.30
N HIS B 176 -0.50 7.20 -17.04
CA HIS B 176 -0.41 8.42 -16.25
C HIS B 176 1.05 8.80 -16.08
N ASP B 177 1.32 10.10 -16.00
CA ASP B 177 2.70 10.59 -16.06
C ASP B 177 2.92 11.74 -15.11
N ASN B 178 1.97 11.96 -14.20
CA ASN B 178 2.13 13.00 -13.18
C ASN B 178 2.05 12.41 -11.78
N GLY B 179 2.80 11.33 -11.58
CA GLY B 179 2.92 10.74 -10.25
C GLY B 179 1.99 9.58 -9.99
N MET B 180 2.40 8.74 -9.05
CA MET B 180 1.62 7.58 -8.67
C MET B 180 2.15 7.07 -7.35
N GLY B 181 1.31 6.36 -6.60
CA GLY B 181 1.79 5.68 -5.40
C GLY B 181 0.74 4.78 -4.79
N ILE B 182 1.20 3.88 -3.94
CA ILE B 182 0.32 3.09 -3.06
C ILE B 182 0.67 3.44 -1.63
N TRP B 183 -0.33 3.68 -0.78
CA TRP B 183 -0.10 4.01 0.62
C TRP B 183 -1.17 3.43 1.54
N GLY B 184 -0.83 3.34 2.83
CA GLY B 184 -1.76 2.95 3.86
C GLY B 184 -2.52 4.17 4.37
N ALA B 185 -3.78 4.29 3.95
CA ALA B 185 -4.62 5.40 4.36
C ALA B 185 -5.28 5.06 5.69
N GLN B 186 -4.63 5.44 6.77
CA GLN B 186 -5.12 5.10 8.10
C GLN B 186 -6.36 5.91 8.41
N LEU B 187 -7.30 5.28 9.10
CA LEU B 187 -8.58 5.92 9.48
C LEU B 187 -8.69 6.15 10.97
N ASN B 188 -9.24 7.28 11.37
CA ASN B 188 -9.53 7.43 12.79
C ASN B 188 -11.01 7.73 12.96
N THR B 189 -11.42 8.06 14.18
CA THR B 189 -12.85 8.19 14.46
C THR B 189 -13.52 9.34 13.71
N ASP B 190 -12.73 10.30 13.22
CA ASP B 190 -13.31 11.40 12.46
C ASP B 190 -13.88 10.93 11.14
N ALA B 191 -13.43 9.76 10.67
CA ALA B 191 -13.89 9.22 9.39
C ALA B 191 -15.31 8.67 9.41
N ALA B 192 -15.87 8.44 10.59
CA ALA B 192 -17.18 7.81 10.71
C ALA B 192 -18.09 8.63 11.61
N SER B 193 -19.17 9.15 11.04
CA SER B 193 -20.03 10.08 11.79
C SER B 193 -21.46 9.59 11.78
N PRO B 194 -22.20 9.84 12.87
CA PRO B 194 -23.63 9.53 12.89
C PRO B 194 -24.37 10.37 11.84
N SER B 195 -23.72 11.43 11.36
CA SER B 195 -24.29 12.27 10.32
C SER B 195 -24.18 11.72 8.89
N TYR B 196 -23.61 10.52 8.74
CA TYR B 196 -23.31 10.01 7.39
C TYR B 196 -24.54 9.97 6.46
N THR B 197 -25.69 9.53 6.97
CA THR B 197 -26.82 9.41 6.07
C THR B 197 -27.36 10.77 5.65
N ASP B 198 -27.25 11.76 6.52
CA ASP B 198 -27.65 13.10 6.13
C ASP B 198 -26.76 13.60 5.01
N TRP B 199 -25.47 13.29 5.12
CA TRP B 199 -24.51 13.73 4.12
C TRP B 199 -24.75 13.02 2.81
N ALA B 200 -25.05 11.72 2.86
CA ALA B 200 -25.31 10.92 1.69
C ALA B 200 -26.50 11.46 0.87
N ALA B 201 -27.46 12.05 1.57
CA ALA B 201 -28.65 12.62 0.94
C ALA B 201 -28.31 13.85 0.08
N GLN B 202 -27.12 14.41 0.29
CA GLN B 202 -26.67 15.54 -0.52
C GLN B 202 -26.15 15.15 -1.88
N ALA B 203 -25.92 13.85 -2.09
CA ALA B 203 -25.35 13.38 -3.34
C ALA B 203 -26.45 13.17 -4.39
N THR B 204 -26.94 14.28 -4.95
CA THR B 204 -28.12 14.33 -5.79
C THR B 204 -27.86 14.26 -7.30
N LYS B 205 -26.63 14.56 -7.72
CA LYS B 205 -26.37 14.74 -9.14
C LYS B 205 -25.81 13.47 -9.79
N THR B 206 -26.40 13.08 -10.92
CA THR B 206 -25.88 11.98 -11.70
C THR B 206 -25.31 12.52 -13.00
N VAL B 207 -23.98 12.48 -13.13
CA VAL B 207 -23.34 12.99 -14.34
C VAL B 207 -23.08 11.84 -15.31
N THR B 208 -23.80 11.85 -16.43
CA THR B 208 -23.78 10.73 -17.37
C THR B 208 -22.95 10.99 -18.63
#